data_7OQJ
#
_entry.id   7OQJ
#
_cell.length_a   82.815
_cell.length_b   110.747
_cell.length_c   61.940
_cell.angle_alpha   90.000
_cell.angle_beta   90.000
_cell.angle_gamma   90.000
#
_symmetry.space_group_name_H-M   'C 2 2 21'
#
loop_
_entity.id
_entity.type
_entity.pdbx_description
1 polymer '14-3-3 protein sigma'
2 polymer 'Amot-p130 phosphopeptide (pS175)'
3 non-polymer ~{N}-[(5-carbamimidoyl-3-phenyl-thiophen-2-yl)methyl]-2,3-dihydro-1-benzofuran-7-carboxamide
4 non-polymer 'CHLORIDE ION'
5 water water
#
loop_
_entity_poly.entity_id
_entity_poly.type
_entity_poly.pdbx_seq_one_letter_code
_entity_poly.pdbx_strand_id
1 'polypeptide(L)'
;GAMGSMERASLIQKAKLAEQAERYEDMAAFMKGAVEKGEELS(CSO)EERNLLSVAYKNVVGGQRAAWRVLSSIEQKSNE
EGSEEKGPEVREYREKVETELQGVCDTVLGLLDSHLIKEAGDAESRVFYLKMKGDYYRYLAEVATGDDKKRIIDSARSAY
QEAMDISKKEMPPTNPIRLGLALNFSVFHYEIANSPEEAISLAKTTFDEAMADLHTLSEDSYKDSTLIMQLLRDNLTLWT
ADNAGEEGGEAPQEPQS
;
A
2 'polypeptide(L)' GHVRSL(SEP)ERLMQM P
#
# COMPACT_ATOMS: atom_id res chain seq x y z
N GLY A 1 24.57 -3.00 1.70
CA GLY A 1 23.56 -3.17 0.62
C GLY A 1 24.19 -3.54 -0.71
N ALA A 2 23.63 -4.56 -1.35
CA ALA A 2 24.15 -5.02 -2.64
C ALA A 2 24.07 -3.94 -3.70
N MET A 3 23.24 -2.91 -3.50
CA MET A 3 23.15 -1.81 -4.45
C MET A 3 23.99 -0.61 -4.04
N GLY A 4 24.79 -0.74 -2.98
CA GLY A 4 25.57 0.37 -2.48
C GLY A 4 26.57 0.94 -3.47
N SER A 5 27.01 0.15 -4.43
CA SER A 5 28.00 0.63 -5.37
C SER A 5 27.39 1.25 -6.62
N MET A 6 26.08 1.23 -6.78
CA MET A 6 25.44 1.77 -7.97
C MET A 6 24.97 3.20 -7.72
N GLU A 7 25.18 4.04 -8.72
CA GLU A 7 24.71 5.41 -8.65
C GLU A 7 23.20 5.48 -8.45
N ARG A 8 22.75 6.47 -7.68
CA ARG A 8 21.32 6.67 -7.49
C ARG A 8 20.58 6.79 -8.83
N ALA A 9 21.10 7.61 -9.76
CA ALA A 9 20.38 7.78 -11.02
C ALA A 9 20.29 6.48 -11.78
N SER A 10 21.33 5.64 -11.70
CA SER A 10 21.33 4.37 -12.40
C SER A 10 20.34 3.40 -11.78
N LEU A 11 20.20 3.44 -10.46
CA LEU A 11 19.19 2.61 -9.80
C LEU A 11 17.79 2.99 -10.25
N ILE A 12 17.50 4.28 -10.33
CA ILE A 12 16.18 4.74 -10.77
CA ILE A 12 16.18 4.70 -10.76
C ILE A 12 15.94 4.33 -12.21
N GLN A 13 16.94 4.53 -13.08
CA GLN A 13 16.79 4.13 -14.48
C GLN A 13 16.52 2.63 -14.61
N LYS A 14 17.24 1.82 -13.84
CA LYS A 14 17.05 0.39 -13.89
C LYS A 14 15.72 -0.04 -13.29
N ALA A 15 15.22 0.66 -12.27
CA ALA A 15 13.88 0.37 -11.76
C ALA A 15 12.83 0.58 -12.84
N LYS A 16 12.99 1.62 -13.66
CA LYS A 16 12.04 1.87 -14.73
C LYS A 16 12.13 0.79 -15.80
N LEU A 17 13.33 0.31 -16.09
CA LEU A 17 13.50 -0.78 -17.04
C LEU A 17 12.91 -2.07 -16.50
N ALA A 18 13.16 -2.37 -15.23
CA ALA A 18 12.59 -3.54 -14.59
C ALA A 18 11.07 -3.52 -14.64
N GLU A 19 10.46 -2.35 -14.44
CA GLU A 19 9.01 -2.24 -14.54
C GLU A 19 8.52 -2.62 -15.95
N GLN A 20 9.19 -2.10 -16.97
CA GLN A 20 8.80 -2.43 -18.34
C GLN A 20 8.96 -3.90 -18.63
N ALA A 21 9.96 -4.53 -18.03
CA ALA A 21 10.25 -5.95 -18.22
C ALA A 21 9.43 -6.83 -17.28
N GLU A 22 8.59 -6.23 -16.42
CA GLU A 22 7.79 -6.97 -15.45
C GLU A 22 8.64 -7.79 -14.49
N ARG A 23 9.79 -7.24 -14.12
CA ARG A 23 10.74 -7.85 -13.21
C ARG A 23 10.62 -7.11 -11.87
N TYR A 24 9.56 -7.43 -11.12
CA TYR A 24 9.22 -6.60 -9.97
C TYR A 24 10.13 -6.82 -8.76
N GLU A 25 10.66 -8.02 -8.58
N GLU A 25 10.67 -8.01 -8.58
CA GLU A 25 11.65 -8.23 -7.53
CA GLU A 25 11.65 -8.22 -7.52
C GLU A 25 12.89 -7.38 -7.79
C GLU A 25 12.92 -7.42 -7.78
N ASP A 26 13.38 -7.38 -9.03
CA ASP A 26 14.51 -6.52 -9.37
C ASP A 26 14.15 -5.06 -9.14
N MET A 27 12.95 -4.67 -9.56
CA MET A 27 12.52 -3.29 -9.40
C MET A 27 12.57 -2.87 -7.94
N ALA A 28 12.09 -3.75 -7.05
CA ALA A 28 12.08 -3.44 -5.64
C ALA A 28 13.49 -3.34 -5.10
N ALA A 29 14.38 -4.21 -5.54
CA ALA A 29 15.75 -4.13 -5.07
C ALA A 29 16.41 -2.83 -5.50
N PHE A 30 16.17 -2.41 -6.76
CA PHE A 30 16.75 -1.16 -7.25
C PHE A 30 16.20 0.02 -6.45
N MET A 31 14.90 0.01 -6.16
CA MET A 31 14.31 1.13 -5.43
C MET A 31 14.72 1.14 -3.96
N LYS A 32 14.86 -0.04 -3.33
CA LYS A 32 15.43 -0.07 -1.99
C LYS A 32 16.82 0.53 -1.98
N GLY A 33 17.64 0.19 -2.98
CA GLY A 33 18.95 0.78 -3.09
C GLY A 33 18.89 2.29 -3.23
N ALA A 34 17.96 2.79 -4.06
CA ALA A 34 17.81 4.23 -4.21
C ALA A 34 17.41 4.88 -2.89
N VAL A 35 16.43 4.31 -2.17
CA VAL A 35 16.05 4.87 -0.88
C VAL A 35 17.25 4.94 0.05
N GLU A 36 18.08 3.90 0.06
CA GLU A 36 19.20 3.81 0.99
C GLU A 36 20.31 4.80 0.69
N LYS A 37 20.24 5.51 -0.44
CA LYS A 37 21.16 6.60 -0.69
C LYS A 37 20.93 7.77 0.26
N GLY A 38 19.76 7.82 0.90
CA GLY A 38 19.49 8.80 1.95
C GLY A 38 18.86 10.09 1.48
N GLU A 39 18.63 10.27 0.20
CA GLU A 39 17.99 11.48 -0.31
C GLU A 39 16.48 11.27 -0.40
N GLU A 40 15.74 12.36 -0.38
CA GLU A 40 14.30 12.19 -0.47
C GLU A 40 13.93 11.71 -1.88
N LEU A 41 12.76 11.09 -2.00
CA LEU A 41 12.25 10.61 -3.26
C LEU A 41 11.29 11.62 -3.85
N SER A 42 11.35 11.81 -5.17
CA SER A 42 10.37 12.61 -5.88
C SER A 42 9.05 11.85 -6.00
N GLU A 44 7.56 10.75 -8.70
CA GLU A 44 7.77 9.63 -9.61
C GLU A 44 8.48 8.49 -8.91
N GLU A 45 9.51 8.83 -8.14
CA GLU A 45 10.30 7.81 -7.44
C GLU A 45 9.48 7.13 -6.34
N ARG A 46 8.62 7.87 -5.63
CA ARG A 46 7.74 7.24 -4.67
C ARG A 46 6.80 6.26 -5.34
N ASN A 47 6.25 6.64 -6.51
CA ASN A 47 5.40 5.75 -7.28
C ASN A 47 6.16 4.49 -7.71
N LEU A 48 7.43 4.63 -8.12
CA LEU A 48 8.20 3.45 -8.49
C LEU A 48 8.39 2.51 -7.29
N LEU A 49 8.71 3.08 -6.14
CA LEU A 49 8.88 2.28 -4.92
C LEU A 49 7.60 1.53 -4.61
N SER A 50 6.46 2.21 -4.67
CA SER A 50 5.18 1.64 -4.32
C SER A 50 4.79 0.54 -5.30
N VAL A 51 4.95 0.79 -6.61
CA VAL A 51 4.60 -0.21 -7.62
C VAL A 51 5.42 -1.47 -7.41
N ALA A 52 6.71 -1.32 -7.18
CA ALA A 52 7.58 -2.47 -7.08
C ALA A 52 7.16 -3.37 -5.92
N TYR A 53 7.02 -2.80 -4.73
CA TYR A 53 6.71 -3.62 -3.57
C TYR A 53 5.28 -4.11 -3.61
N LYS A 54 4.36 -3.34 -4.19
CA LYS A 54 2.99 -3.81 -4.29
C LYS A 54 2.90 -5.06 -5.12
N ASN A 55 3.67 -5.14 -6.20
CA ASN A 55 3.66 -6.29 -7.05
C ASN A 55 4.34 -7.48 -6.39
N VAL A 56 5.47 -7.24 -5.71
CA VAL A 56 6.13 -8.35 -5.01
C VAL A 56 5.21 -8.92 -3.95
N VAL A 57 4.70 -8.08 -3.06
CA VAL A 57 3.87 -8.60 -1.98
C VAL A 57 2.54 -9.10 -2.51
N GLY A 58 2.07 -8.55 -3.63
CA GLY A 58 0.82 -9.02 -4.21
C GLY A 58 0.89 -10.48 -4.62
N GLY A 59 2.00 -10.87 -5.27
CA GLY A 59 2.18 -12.26 -5.63
C GLY A 59 2.25 -13.17 -4.41
N GLN A 60 2.93 -12.70 -3.36
CA GLN A 60 3.05 -13.48 -2.14
C GLN A 60 1.69 -13.63 -1.46
N ARG A 61 0.89 -12.56 -1.42
CA ARG A 61 -0.43 -12.62 -0.83
C ARG A 61 -1.35 -13.57 -1.59
N ALA A 62 -1.28 -13.53 -2.91
CA ALA A 62 -2.08 -14.43 -3.73
C ALA A 62 -1.69 -15.87 -3.46
N ALA A 63 -0.38 -16.14 -3.35
CA ALA A 63 0.06 -17.51 -3.06
C ALA A 63 -0.36 -17.93 -1.66
N TRP A 64 -0.20 -17.05 -0.68
CA TRP A 64 -0.58 -17.38 0.69
C TRP A 64 -2.05 -17.72 0.78
N ARG A 65 -2.91 -16.97 0.07
CA ARG A 65 -4.34 -17.22 0.11
C ARG A 65 -4.66 -18.59 -0.46
N VAL A 66 -4.03 -18.96 -1.58
CA VAL A 66 -4.23 -20.30 -2.15
C VAL A 66 -3.84 -21.36 -1.12
N LEU A 67 -2.67 -21.20 -0.51
CA LEU A 67 -2.15 -22.23 0.39
C LEU A 67 -2.97 -22.31 1.67
N SER A 68 -3.35 -21.15 2.22
CA SER A 68 -4.17 -21.14 3.43
C SER A 68 -5.52 -21.82 3.18
N SER A 69 -6.09 -21.62 1.99
CA SER A 69 -7.34 -22.29 1.65
C SER A 69 -7.17 -23.81 1.58
N ILE A 70 -6.08 -24.28 0.98
CA ILE A 70 -5.80 -25.72 0.93
C ILE A 70 -5.60 -26.26 2.33
N GLU A 71 -4.88 -25.50 3.17
CA GLU A 71 -4.60 -25.94 4.53
C GLU A 71 -5.89 -26.04 5.34
N GLN A 72 -6.79 -25.06 5.18
CA GLN A 72 -8.05 -25.10 5.91
C GLN A 72 -8.88 -26.31 5.51
N LYS A 73 -8.97 -26.61 4.22
CA LYS A 73 -9.73 -27.78 3.78
C LYS A 73 -9.20 -29.06 4.40
N SER A 74 -7.87 -29.27 4.33
CA SER A 74 -7.27 -30.48 4.88
C SER A 74 -7.43 -30.58 6.39
N ASN A 75 -7.98 -29.55 7.03
CA ASN A 75 -8.28 -29.58 8.45
C ASN A 75 -9.79 -29.62 8.63
N GLY A 83 -0.03 -34.94 6.19
CA GLY A 83 1.32 -34.62 6.60
C GLY A 83 1.54 -33.15 6.83
N PRO A 84 2.78 -32.76 7.15
CA PRO A 84 3.06 -31.38 7.49
C PRO A 84 3.31 -30.47 6.29
N GLU A 85 3.24 -30.97 5.05
CA GLU A 85 3.78 -30.24 3.91
C GLU A 85 3.02 -28.95 3.61
N VAL A 86 1.69 -28.98 3.63
CA VAL A 86 0.91 -27.79 3.31
C VAL A 86 1.20 -26.70 4.33
N ARG A 87 1.17 -27.05 5.62
CA ARG A 87 1.49 -26.07 6.65
C ARG A 87 2.90 -25.54 6.48
N GLU A 88 3.87 -26.41 6.24
CA GLU A 88 5.25 -25.99 6.10
C GLU A 88 5.39 -25.01 4.95
N TYR A 89 4.75 -25.30 3.82
CA TYR A 89 4.94 -24.43 2.66
C TYR A 89 4.18 -23.12 2.84
N ARG A 90 2.98 -23.17 3.43
CA ARG A 90 2.28 -21.94 3.77
C ARG A 90 3.12 -21.08 4.70
N GLU A 91 3.74 -21.69 5.70
CA GLU A 91 4.62 -20.97 6.61
C GLU A 91 5.83 -20.37 5.88
N LYS A 92 6.38 -21.08 4.90
CA LYS A 92 7.51 -20.55 4.15
C LYS A 92 7.10 -19.29 3.40
N VAL A 93 5.95 -19.35 2.72
CA VAL A 93 5.47 -18.20 1.97
C VAL A 93 5.15 -17.06 2.93
N GLU A 94 4.51 -17.40 4.06
CA GLU A 94 4.17 -16.39 5.07
C GLU A 94 5.41 -15.67 5.57
N THR A 95 6.47 -16.42 5.89
CA THR A 95 7.71 -15.83 6.39
C THR A 95 8.32 -14.90 5.36
N GLU A 96 8.27 -15.29 4.09
CA GLU A 96 8.82 -14.45 3.03
CA GLU A 96 8.83 -14.43 3.05
C GLU A 96 8.01 -13.17 2.89
N LEU A 97 6.69 -13.28 2.97
CA LEU A 97 5.81 -12.11 2.89
C LEU A 97 6.08 -11.17 4.05
N GLN A 98 6.18 -11.73 5.26
CA GLN A 98 6.49 -10.90 6.43
C GLN A 98 7.84 -10.22 6.27
N GLY A 99 8.81 -10.90 5.68
CA GLY A 99 10.11 -10.29 5.46
C GLY A 99 10.08 -9.11 4.53
N VAL A 100 9.27 -9.19 3.47
CA VAL A 100 9.13 -8.07 2.53
C VAL A 100 8.43 -6.91 3.22
N CYS A 101 7.36 -7.20 3.97
CA CYS A 101 6.68 -6.13 4.70
C CYS A 101 7.62 -5.47 5.70
N ASP A 102 8.40 -6.27 6.43
CA ASP A 102 9.35 -5.71 7.39
C ASP A 102 10.40 -4.85 6.67
N THR A 103 10.82 -5.24 5.47
CA THR A 103 11.77 -4.43 4.72
C THR A 103 11.17 -3.07 4.37
N VAL A 104 9.94 -3.07 3.86
CA VAL A 104 9.28 -1.82 3.49
C VAL A 104 9.11 -0.94 4.71
N LEU A 105 8.55 -1.52 5.79
CA LEU A 105 8.39 -0.76 7.02
C LEU A 105 9.71 -0.23 7.54
N GLY A 106 10.79 -0.99 7.36
CA GLY A 106 12.11 -0.50 7.76
C GLY A 106 12.58 0.71 6.96
N LEU A 107 12.33 0.71 5.65
CA LEU A 107 12.65 1.88 4.83
C LEU A 107 11.84 3.09 5.27
N LEU A 108 10.57 2.89 5.58
CA LEU A 108 9.72 4.00 6.01
C LEU A 108 10.20 4.57 7.34
N ASP A 109 10.63 3.71 8.26
CA ASP A 109 11.07 4.13 9.57
C ASP A 109 12.52 4.61 9.59
N SER A 110 13.31 4.26 8.58
CA SER A 110 14.74 4.60 8.52
C SER A 110 15.08 4.97 7.07
N HIS A 111 14.71 6.19 6.63
CA HIS A 111 14.18 7.30 7.40
C HIS A 111 13.18 8.11 6.58
N LEU A 112 12.41 7.44 5.72
CA LEU A 112 11.57 8.16 4.76
C LEU A 112 10.53 9.05 5.46
N ILE A 113 9.83 8.52 6.46
CA ILE A 113 8.76 9.28 7.10
C ILE A 113 9.32 10.52 7.81
N LYS A 114 10.35 10.35 8.63
CA LYS A 114 10.83 11.50 9.40
C LYS A 114 11.43 12.59 8.51
N GLU A 115 11.98 12.24 7.35
CA GLU A 115 12.57 13.19 6.42
C GLU A 115 11.58 13.72 5.39
N ALA A 116 10.30 13.32 5.48
CA ALA A 116 9.29 13.76 4.52
C ALA A 116 8.85 15.15 4.94
N GLY A 117 9.39 16.17 4.27
CA GLY A 117 9.23 17.53 4.71
C GLY A 117 8.10 18.30 4.05
N ASP A 118 7.11 17.59 3.51
CA ASP A 118 5.87 18.22 3.10
C ASP A 118 4.73 17.23 3.12
N ALA A 119 3.51 17.75 3.00
CA ALA A 119 2.33 16.93 3.28
C ALA A 119 2.16 15.82 2.24
N GLU A 120 2.39 16.11 0.96
CA GLU A 120 2.22 15.10 -0.08
C GLU A 120 3.10 13.89 0.18
N SER A 121 4.35 14.12 0.57
N SER A 121 4.36 14.13 0.55
CA SER A 121 5.25 12.99 0.79
CA SER A 121 5.27 13.02 0.81
C SER A 121 4.95 12.28 2.09
C SER A 121 4.87 12.28 2.08
N ARG A 122 4.61 13.01 3.15
CA ARG A 122 4.31 12.37 4.43
C ARG A 122 3.06 11.51 4.33
N VAL A 123 2.01 12.02 3.67
CA VAL A 123 0.79 11.23 3.48
C VAL A 123 1.10 9.96 2.70
N PHE A 124 1.87 10.08 1.62
CA PHE A 124 2.20 8.91 0.80
C PHE A 124 2.85 7.83 1.66
N TYR A 125 3.82 8.22 2.48
CA TYR A 125 4.56 7.24 3.26
C TYR A 125 3.72 6.67 4.40
N LEU A 126 2.90 7.51 5.06
CA LEU A 126 2.05 6.98 6.12
C LEU A 126 0.99 6.02 5.56
N LYS A 127 0.49 6.31 4.36
CA LYS A 127 -0.40 5.37 3.68
C LYS A 127 0.32 4.06 3.44
N MET A 128 1.54 4.12 2.94
CA MET A 128 2.31 2.89 2.74
C MET A 128 2.49 2.13 4.04
N LYS A 129 2.79 2.84 5.13
CA LYS A 129 2.93 2.19 6.43
C LYS A 129 1.65 1.46 6.80
N GLY A 130 0.49 2.10 6.61
CA GLY A 130 -0.76 1.43 6.88
C GLY A 130 -0.95 0.19 6.02
N ASP A 131 -0.64 0.31 4.74
CA ASP A 131 -0.80 -0.80 3.81
C ASP A 131 0.04 -2.00 4.23
N TYR A 132 1.31 -1.78 4.57
CA TYR A 132 2.20 -2.92 4.87
C TYR A 132 1.91 -3.52 6.25
N TYR A 133 1.44 -2.71 7.22
CA TYR A 133 0.91 -3.32 8.42
C TYR A 133 -0.38 -4.09 8.13
N ARG A 134 -1.23 -3.58 7.23
CA ARG A 134 -2.41 -4.32 6.85
C ARG A 134 -2.06 -5.68 6.25
N TYR A 135 -1.04 -5.72 5.38
CA TYR A 135 -0.65 -7.01 4.81
C TYR A 135 -0.13 -7.95 5.88
N LEU A 136 0.60 -7.41 6.88
CA LEU A 136 1.02 -8.25 8.00
C LEU A 136 -0.18 -8.75 8.79
N ALA A 137 -1.20 -7.92 8.93
CA ALA A 137 -2.37 -8.32 9.71
C ALA A 137 -3.13 -9.44 9.03
N GLU A 138 -3.10 -9.50 7.70
CA GLU A 138 -3.82 -10.54 6.97
C GLU A 138 -3.34 -11.94 7.37
N VAL A 139 -2.07 -12.05 7.77
CA VAL A 139 -1.47 -13.35 8.08
C VAL A 139 -1.20 -13.52 9.56
N ALA A 140 -1.50 -12.54 10.37
CA ALA A 140 -1.17 -12.57 11.78
C ALA A 140 -2.23 -13.31 12.57
N THR A 141 -1.81 -13.83 13.72
CA THR A 141 -2.73 -14.46 14.67
C THR A 141 -2.51 -13.82 16.05
N ASP A 144 1.38 -9.36 18.12
CA ASP A 144 0.16 -10.09 17.80
C ASP A 144 -0.63 -9.39 16.70
N LYS A 145 -1.71 -10.05 16.29
CA LYS A 145 -2.62 -9.46 15.32
C LYS A 145 -3.18 -8.14 15.86
N LYS A 146 -3.53 -8.11 17.15
CA LYS A 146 -4.10 -6.90 17.74
C LYS A 146 -3.15 -5.71 17.61
N ARG A 147 -1.88 -5.91 17.95
CA ARG A 147 -0.92 -4.82 17.89
C ARG A 147 -0.73 -4.35 16.45
N ILE A 148 -0.68 -5.29 15.52
CA ILE A 148 -0.48 -4.94 14.11
C ILE A 148 -1.66 -4.13 13.61
N ILE A 149 -2.88 -4.57 13.93
CA ILE A 149 -4.07 -3.86 13.51
C ILE A 149 -4.04 -2.44 14.05
N ASP A 150 -3.57 -2.25 15.28
CA ASP A 150 -3.53 -0.90 15.84
C ASP A 150 -2.49 -0.05 15.13
N SER A 151 -1.34 -0.63 14.79
CA SER A 151 -0.32 0.13 14.07
C SER A 151 -0.81 0.56 12.70
N ALA A 152 -1.53 -0.33 12.00
CA ALA A 152 -2.09 0.05 10.71
C ALA A 152 -3.10 1.18 10.87
N ARG A 153 -4.03 1.04 11.81
CA ARG A 153 -5.05 2.06 11.98
C ARG A 153 -4.43 3.41 12.30
N SER A 154 -3.42 3.41 13.16
N SER A 154 -3.41 3.41 13.16
CA SER A 154 -2.79 4.67 13.58
CA SER A 154 -2.80 4.67 13.57
C SER A 154 -2.10 5.34 12.40
C SER A 154 -2.08 5.35 12.41
N ALA A 155 -1.40 4.57 11.57
CA ALA A 155 -0.74 5.15 10.42
C ALA A 155 -1.77 5.72 9.45
N TYR A 156 -2.79 4.92 9.12
CA TYR A 156 -3.83 5.40 8.22
C TYR A 156 -4.52 6.65 8.77
N GLN A 157 -4.85 6.67 10.06
CA GLN A 157 -5.57 7.81 10.61
C GLN A 157 -4.72 9.07 10.58
N GLU A 158 -3.41 8.95 10.90
CA GLU A 158 -2.55 10.12 10.80
C GLU A 158 -2.47 10.63 9.37
N ALA A 159 -2.38 9.71 8.40
CA ALA A 159 -2.38 10.12 7.01
C ALA A 159 -3.69 10.82 6.64
N MET A 160 -4.82 10.29 7.11
CA MET A 160 -6.11 10.91 6.82
C MET A 160 -6.18 12.31 7.38
N ASP A 161 -5.72 12.49 8.61
CA ASP A 161 -5.79 13.81 9.25
C ASP A 161 -5.00 14.83 8.44
N ILE A 162 -3.78 14.46 8.01
CA ILE A 162 -2.98 15.38 7.20
C ILE A 162 -3.63 15.61 5.85
N SER A 163 -4.12 14.55 5.22
CA SER A 163 -4.67 14.67 3.87
C SER A 163 -5.90 15.56 3.86
N LYS A 164 -6.73 15.49 4.91
CA LYS A 164 -7.94 16.31 4.95
C LYS A 164 -7.59 17.78 5.14
N LYS A 165 -6.48 18.08 5.84
CA LYS A 165 -6.09 19.48 6.02
C LYS A 165 -5.36 20.06 4.81
N GLU A 166 -4.63 19.24 4.06
CA GLU A 166 -3.65 19.74 3.11
C GLU A 166 -3.91 19.38 1.66
N MET A 167 -4.84 18.49 1.35
CA MET A 167 -5.08 18.08 -0.03
C MET A 167 -6.55 18.22 -0.36
N PRO A 168 -6.87 18.48 -1.61
CA PRO A 168 -8.27 18.51 -2.01
C PRO A 168 -8.87 17.11 -2.03
N PRO A 169 -10.20 17.00 -1.97
CA PRO A 169 -10.82 15.67 -1.88
C PRO A 169 -10.62 14.81 -3.11
N THR A 170 -10.21 15.38 -4.24
CA THR A 170 -9.99 14.57 -5.43
C THR A 170 -8.54 14.19 -5.63
N ASN A 171 -7.64 14.61 -4.75
CA ASN A 171 -6.24 14.28 -4.92
C ASN A 171 -6.09 12.75 -4.94
N PRO A 172 -5.38 12.18 -5.92
CA PRO A 172 -5.39 10.72 -6.05
C PRO A 172 -4.74 9.99 -4.88
N ILE A 173 -3.77 10.60 -4.21
CA ILE A 173 -3.19 9.96 -3.03
C ILE A 173 -4.21 9.97 -1.90
N ARG A 174 -4.90 11.09 -1.71
CA ARG A 174 -5.97 11.15 -0.70
C ARG A 174 -7.05 10.12 -1.00
N LEU A 175 -7.47 10.00 -2.26
CA LEU A 175 -8.46 9.00 -2.63
C LEU A 175 -7.97 7.58 -2.38
N GLY A 176 -6.75 7.28 -2.82
CA GLY A 176 -6.24 5.94 -2.62
C GLY A 176 -6.06 5.59 -1.16
N LEU A 177 -5.66 6.57 -0.34
CA LEU A 177 -5.57 6.37 1.10
C LEU A 177 -6.93 6.01 1.68
N ALA A 178 -7.96 6.81 1.36
CA ALA A 178 -9.29 6.55 1.90
C ALA A 178 -9.81 5.20 1.45
N LEU A 179 -9.60 4.86 0.17
CA LEU A 179 -9.96 3.55 -0.33
C LEU A 179 -9.31 2.44 0.48
N ASN A 180 -7.99 2.51 0.66
CA ASN A 180 -7.31 1.43 1.36
C ASN A 180 -7.67 1.40 2.85
N PHE A 181 -7.89 2.55 3.48
CA PHE A 181 -8.34 2.53 4.88
C PHE A 181 -9.72 1.90 4.98
N SER A 182 -10.58 2.12 3.99
CA SER A 182 -11.90 1.51 4.02
C SER A 182 -11.79 0.00 3.90
N VAL A 183 -10.87 -0.48 3.04
CA VAL A 183 -10.61 -1.91 2.95
C VAL A 183 -10.10 -2.46 4.26
N PHE A 184 -9.19 -1.73 4.91
CA PHE A 184 -8.73 -2.11 6.24
C PHE A 184 -9.91 -2.30 7.19
N HIS A 185 -10.82 -1.32 7.24
CA HIS A 185 -11.94 -1.44 8.15
C HIS A 185 -12.79 -2.67 7.86
N TYR A 186 -13.07 -2.93 6.58
CA TYR A 186 -13.97 -4.03 6.21
C TYR A 186 -13.32 -5.39 6.39
N GLU A 187 -12.08 -5.55 5.92
CA GLU A 187 -11.47 -6.86 5.80
C GLU A 187 -10.64 -7.22 7.01
N ILE A 188 -10.10 -6.26 7.74
CA ILE A 188 -9.15 -6.49 8.82
C ILE A 188 -9.79 -6.23 10.17
N ALA A 189 -10.39 -5.06 10.35
CA ALA A 189 -10.84 -4.60 11.65
C ALA A 189 -12.26 -5.04 11.98
N ASN A 190 -12.92 -5.78 11.10
CA ASN A 190 -14.29 -6.23 11.34
C ASN A 190 -15.19 -5.04 11.66
N SER A 191 -15.01 -3.97 10.89
CA SER A 191 -15.75 -2.72 11.08
C SER A 191 -16.39 -2.34 9.76
N PRO A 192 -17.33 -3.15 9.28
CA PRO A 192 -17.93 -2.88 7.96
C PRO A 192 -18.70 -1.58 7.91
N GLU A 193 -19.34 -1.16 9.01
CA GLU A 193 -20.05 0.11 9.00
C GLU A 193 -19.08 1.25 8.76
N GLU A 194 -17.93 1.22 9.45
CA GLU A 194 -16.90 2.23 9.26
C GLU A 194 -16.40 2.25 7.83
N ALA A 195 -16.18 1.08 7.23
CA ALA A 195 -15.74 0.98 5.84
C ALA A 195 -16.73 1.65 4.91
N ILE A 196 -18.02 1.34 5.08
CA ILE A 196 -19.05 1.89 4.22
C ILE A 196 -19.14 3.40 4.39
N SER A 197 -19.11 3.85 5.64
CA SER A 197 -19.19 5.30 5.88
CA SER A 197 -19.20 5.30 5.88
C SER A 197 -18.04 6.03 5.23
N LEU A 198 -16.82 5.52 5.38
CA LEU A 198 -15.66 6.17 4.80
C LEU A 198 -15.72 6.18 3.29
N ALA A 199 -16.09 5.05 2.68
CA ALA A 199 -16.13 5.00 1.23
C ALA A 199 -17.18 5.96 0.69
N LYS A 200 -18.34 6.03 1.35
CA LYS A 200 -19.43 6.90 0.90
C LYS A 200 -19.05 8.36 1.02
N THR A 201 -18.53 8.77 2.18
CA THR A 201 -18.16 10.17 2.35
C THR A 201 -17.05 10.55 1.39
N THR A 202 -16.07 9.67 1.20
CA THR A 202 -14.99 9.96 0.26
C THR A 202 -15.54 10.14 -1.13
N PHE A 203 -16.41 9.23 -1.56
CA PHE A 203 -16.95 9.29 -2.91
C PHE A 203 -17.72 10.59 -3.11
N ASP A 204 -18.61 10.92 -2.17
CA ASP A 204 -19.45 12.10 -2.33
C ASP A 204 -18.63 13.38 -2.34
N GLU A 205 -17.64 13.49 -1.46
CA GLU A 205 -16.82 14.69 -1.41
C GLU A 205 -15.97 14.83 -2.65
N ALA A 206 -15.50 13.72 -3.21
CA ALA A 206 -14.77 13.80 -4.46
C ALA A 206 -15.68 14.24 -5.61
N MET A 207 -16.88 13.65 -5.69
CA MET A 207 -17.85 14.01 -6.71
C MET A 207 -18.06 15.51 -6.74
N ALA A 208 -18.25 16.11 -5.57
CA ALA A 208 -18.55 17.53 -5.48
C ALA A 208 -17.36 18.41 -5.82
N ASP A 209 -16.16 17.86 -5.94
CA ASP A 209 -14.95 18.59 -6.27
C ASP A 209 -14.50 18.38 -7.71
N LEU A 210 -15.15 17.50 -8.47
CA LEU A 210 -14.69 17.23 -9.83
C LEU A 210 -14.75 18.47 -10.71
N HIS A 211 -15.66 19.39 -10.42
CA HIS A 211 -15.83 20.55 -11.28
C HIS A 211 -14.59 21.42 -11.33
N THR A 212 -13.67 21.24 -10.37
CA THR A 212 -12.45 22.04 -10.31
C THR A 212 -11.32 21.47 -11.14
N LEU A 213 -11.48 20.31 -11.74
CA LEU A 213 -10.39 19.58 -12.35
C LEU A 213 -10.32 19.75 -13.87
N SER A 214 -9.11 19.55 -14.40
CA SER A 214 -8.88 19.43 -15.82
C SER A 214 -9.38 18.09 -16.34
N GLU A 215 -9.50 18.00 -17.67
CA GLU A 215 -9.89 16.73 -18.27
C GLU A 215 -8.99 15.59 -17.79
N ASP A 216 -7.70 15.88 -17.60
CA ASP A 216 -6.75 14.84 -17.22
C ASP A 216 -6.89 14.45 -15.75
N SER A 217 -6.86 15.43 -14.86
CA SER A 217 -7.12 15.17 -13.45
C SER A 217 -8.48 14.51 -13.25
N TYR A 218 -9.47 14.89 -14.06
CA TYR A 218 -10.80 14.28 -13.95
C TYR A 218 -10.76 12.80 -14.23
N LYS A 219 -10.01 12.38 -15.24
CA LYS A 219 -9.86 10.95 -15.50
C LYS A 219 -9.09 10.26 -14.38
N ASP A 220 -8.01 10.88 -13.88
CA ASP A 220 -7.29 10.35 -12.73
C ASP A 220 -8.23 10.05 -11.57
N SER A 221 -8.99 11.06 -11.15
CA SER A 221 -9.80 10.95 -9.94
C SER A 221 -10.95 9.98 -10.12
N THR A 222 -11.63 10.02 -11.27
CA THR A 222 -12.79 9.16 -11.46
C THR A 222 -12.40 7.69 -11.53
N LEU A 223 -11.18 7.40 -11.99
CA LEU A 223 -10.70 6.02 -12.02
C LEU A 223 -10.67 5.43 -10.62
N ILE A 224 -10.19 6.18 -9.64
CA ILE A 224 -10.11 5.68 -8.27
C ILE A 224 -11.49 5.68 -7.64
N MET A 225 -12.32 6.66 -7.98
CA MET A 225 -13.68 6.68 -7.48
C MET A 225 -14.45 5.44 -7.90
N GLN A 226 -14.12 4.86 -9.07
CA GLN A 226 -14.76 3.64 -9.52
C GLN A 226 -14.53 2.50 -8.53
N LEU A 227 -13.36 2.44 -7.92
CA LEU A 227 -13.07 1.39 -6.94
C LEU A 227 -13.87 1.59 -5.66
N LEU A 228 -14.01 2.84 -5.19
CA LEU A 228 -14.91 3.11 -4.08
C LEU A 228 -16.32 2.63 -4.40
N ARG A 229 -16.81 2.93 -5.62
CA ARG A 229 -18.14 2.51 -6.01
C ARG A 229 -18.25 0.99 -6.02
N ASP A 230 -17.23 0.32 -6.54
CA ASP A 230 -17.24 -1.13 -6.64
C ASP A 230 -17.33 -1.77 -5.26
N ASN A 231 -16.58 -1.24 -4.28
CA ASN A 231 -16.67 -1.76 -2.92
C ASN A 231 -18.04 -1.49 -2.32
N LEU A 232 -18.59 -0.29 -2.48
CA LEU A 232 -19.89 -0.03 -1.91
C LEU A 232 -20.94 -0.97 -2.48
N THR A 233 -20.80 -1.35 -3.75
CA THR A 233 -21.73 -2.28 -4.37
C THR A 233 -21.60 -3.67 -3.74
N LEU A 234 -20.38 -4.09 -3.43
CA LEU A 234 -20.17 -5.36 -2.74
C LEU A 234 -20.62 -5.31 -1.29
N TRP A 235 -20.49 -4.17 -0.63
CA TRP A 235 -20.70 -4.08 0.80
C TRP A 235 -22.13 -3.72 1.19
N THR A 236 -22.91 -3.21 0.25
CA THR A 236 -24.29 -2.86 0.49
C THR A 236 -25.14 -3.47 -0.62
N ARG B 4 -13.96 -10.41 -2.45
CA ARG B 4 -12.92 -9.70 -1.70
C ARG B 4 -12.84 -8.22 -2.11
N SER B 5 -12.65 -7.35 -1.13
CA SER B 5 -12.69 -5.92 -1.37
C SER B 5 -11.51 -5.48 -2.25
N LEU B 6 -11.72 -4.39 -2.97
CA LEU B 6 -10.72 -3.93 -3.90
C LEU B 6 -9.92 -2.79 -3.31
N GLU B 8 -6.37 0.00 -3.76
CA GLU B 8 -5.83 0.93 -4.75
C GLU B 8 -4.99 0.16 -5.75
N ARG B 9 -5.13 0.52 -7.04
CA ARG B 9 -4.42 -0.14 -8.12
C ARG B 9 -3.35 0.77 -8.70
#